data_8TFZ
#
_entry.id   8TFZ
#
_cell.length_a   55.759
_cell.length_b   44.585
_cell.length_c   72.142
_cell.angle_alpha   90.00
_cell.angle_beta   103.48
_cell.angle_gamma   90.00
#
_symmetry.space_group_name_H-M   'P 1 21 1'
#
loop_
_entity.id
_entity.type
_entity.pdbx_description
1 polymer "Probable RNA 2'-phosphotransferase"
2 non-polymer NICOTINAMIDE-ADENINE-DINUCLEOTIDE
3 non-polymer GLYCEROL
4 non-polymer 'CHLORIDE ION'
5 water water
#
_entity_poly.entity_id   1
_entity_poly.type   'polypeptide(L)'
_entity_poly.pdbx_seq_one_letter_code
;SRFKVSKLMAYILAHSPWEFGLEPDEEGFVSIEELVNAVRKVYPWVTEEYIREIVERDEKGRYEIRGNKIRARYGHSYPV
ILRHEEDKESKVLYHGTVRRNLKGIMREGIKPGKRQYVHLSINYEDAYNTGMRHGEDVVVLIIDAECLRNKGYKILKAGK
KVRIVKHVPVDCISGIL
;
_entity_poly.pdbx_strand_id   A,B
#
loop_
_chem_comp.id
_chem_comp.type
_chem_comp.name
_chem_comp.formula
CL non-polymer 'CHLORIDE ION' 'Cl -1'
GOL non-polymer GLYCEROL 'C3 H8 O3'
NAD non-polymer NICOTINAMIDE-ADENINE-DINUCLEOTIDE 'C21 H27 N7 O14 P2'
#
# COMPACT_ATOMS: atom_id res chain seq x y z
N SER A 1 -2.41 -11.71 -7.30
CA SER A 1 -2.98 -11.73 -5.96
C SER A 1 -4.47 -11.38 -6.00
N ARG A 2 -5.24 -11.73 -4.96
CA ARG A 2 -6.63 -11.26 -4.89
C ARG A 2 -6.73 -9.75 -4.84
N PHE A 3 -5.76 -9.08 -4.21
CA PHE A 3 -5.79 -7.62 -4.09
C PHE A 3 -5.70 -6.95 -5.46
N LYS A 4 -4.71 -7.34 -6.27
CA LYS A 4 -4.54 -6.81 -7.61
C LYS A 4 -5.77 -7.08 -8.48
N VAL A 5 -6.27 -8.32 -8.45
CA VAL A 5 -7.48 -8.65 -9.21
C VAL A 5 -8.66 -7.79 -8.75
N SER A 6 -8.76 -7.56 -7.44
CA SER A 6 -9.82 -6.72 -6.93
C SER A 6 -9.69 -5.29 -7.45
N LYS A 7 -8.46 -4.76 -7.52
CA LYS A 7 -8.27 -3.40 -8.01
C LYS A 7 -8.77 -3.24 -9.43
N LEU A 8 -8.45 -4.23 -10.27
CA LEU A 8 -8.94 -4.24 -11.66
C LEU A 8 -10.46 -4.41 -11.71
N MET A 9 -11.02 -5.23 -10.81
CA MET A 9 -12.48 -5.36 -10.71
C MET A 9 -13.13 -4.02 -10.37
N ALA A 10 -12.54 -3.27 -9.43
CA ALA A 10 -13.05 -1.93 -9.09
C ALA A 10 -12.93 -1.00 -10.29
N TYR A 11 -11.77 -1.00 -10.96
CA TYR A 11 -11.64 -0.16 -12.14
C TYR A 11 -12.74 -0.48 -13.16
N ILE A 12 -12.90 -1.76 -13.50
CA ILE A 12 -13.82 -2.18 -14.56
C ILE A 12 -15.25 -1.85 -14.15
N LEU A 13 -15.60 -2.19 -12.89
CA LEU A 13 -17.00 -2.20 -12.48
C LEU A 13 -17.47 -0.84 -12.04
N ALA A 14 -16.59 -0.06 -11.43
CA ALA A 14 -16.98 1.23 -10.86
C ALA A 14 -16.64 2.41 -11.75
N HIS A 15 -15.74 2.24 -12.74
CA HIS A 15 -15.14 3.41 -13.41
C HIS A 15 -15.14 3.38 -14.95
N SER A 16 -14.65 2.29 -15.59
CA SER A 16 -14.53 2.25 -17.06
C SER A 16 -14.97 0.90 -17.65
N PRO A 17 -16.23 0.48 -17.44
CA PRO A 17 -16.62 -0.84 -17.98
C PRO A 17 -16.63 -0.86 -19.51
N TRP A 18 -16.98 0.24 -20.17
CA TRP A 18 -17.16 0.26 -21.62
C TRP A 18 -15.84 0.08 -22.37
N GLU A 19 -14.73 0.47 -21.74
CA GLU A 19 -13.41 0.24 -22.31
C GLU A 19 -13.18 -1.24 -22.60
N PHE A 20 -13.84 -2.14 -21.83
CA PHE A 20 -13.69 -3.58 -22.01
C PHE A 20 -14.84 -4.22 -22.81
N GLY A 21 -15.82 -3.44 -23.27
CA GLY A 21 -16.98 -3.98 -23.97
C GLY A 21 -18.17 -4.37 -23.10
N LEU A 22 -18.08 -4.18 -21.79
CA LEU A 22 -19.22 -4.42 -20.90
C LEU A 22 -20.24 -3.27 -21.00
N GLU A 23 -21.51 -3.58 -20.73
CA GLU A 23 -22.58 -2.59 -20.72
C GLU A 23 -23.37 -2.68 -19.42
N PRO A 24 -22.96 -1.93 -18.39
CA PRO A 24 -23.67 -2.01 -17.10
C PRO A 24 -25.15 -1.73 -17.25
N ASP A 25 -25.99 -2.52 -16.57
CA ASP A 25 -27.40 -2.16 -16.59
C ASP A 25 -27.60 -0.94 -15.69
N GLU A 26 -28.84 -0.52 -15.50
CA GLU A 26 -28.98 0.77 -14.84
C GLU A 26 -28.67 0.71 -13.34
N GLU A 27 -28.33 -0.47 -12.79
CA GLU A 27 -27.90 -0.59 -11.40
C GLU A 27 -26.44 -1.00 -11.26
N GLY A 28 -25.65 -0.92 -12.34
CA GLY A 28 -24.23 -1.26 -12.33
C GLY A 28 -23.89 -2.69 -12.73
N PHE A 29 -24.90 -3.57 -12.81
CA PHE A 29 -24.73 -5.01 -12.98
C PHE A 29 -24.19 -5.37 -14.35
N VAL A 30 -23.14 -6.20 -14.40
CA VAL A 30 -22.66 -6.78 -15.64
C VAL A 30 -22.73 -8.30 -15.48
N SER A 31 -22.71 -9.00 -16.61
CA SER A 31 -22.59 -10.46 -16.57
C SER A 31 -21.24 -10.86 -16.02
N ILE A 32 -21.20 -11.93 -15.24
CA ILE A 32 -19.94 -12.21 -14.54
C ILE A 32 -18.92 -12.77 -15.51
N GLU A 33 -19.36 -13.43 -16.58
CA GLU A 33 -18.42 -14.02 -17.52
C GLU A 33 -17.81 -12.98 -18.45
N GLU A 34 -18.56 -11.95 -18.82
CA GLU A 34 -17.92 -10.80 -19.45
C GLU A 34 -16.85 -10.21 -18.55
N LEU A 35 -17.17 -10.04 -17.25
CA LEU A 35 -16.21 -9.52 -16.28
C LEU A 35 -14.99 -10.41 -16.21
N VAL A 36 -15.21 -11.74 -16.18
CA VAL A 36 -14.12 -12.69 -16.05
C VAL A 36 -13.21 -12.64 -17.29
N ASN A 37 -13.79 -12.58 -18.48
CA ASN A 37 -13.02 -12.41 -19.72
C ASN A 37 -12.17 -11.14 -19.70
N ALA A 38 -12.77 -10.01 -19.29
CA ALA A 38 -12.03 -8.75 -19.21
C ALA A 38 -10.85 -8.84 -18.24
N VAL A 39 -11.08 -9.40 -17.05
CA VAL A 39 -9.98 -9.55 -16.09
C VAL A 39 -8.91 -10.49 -16.62
N ARG A 40 -9.30 -11.53 -17.38
CA ARG A 40 -8.24 -12.39 -17.90
C ARG A 40 -7.43 -11.70 -18.98
N LYS A 41 -7.99 -10.69 -19.65
CA LYS A 41 -7.14 -9.86 -20.51
C LYS A 41 -5.84 -9.50 -19.80
N VAL A 42 -5.92 -9.18 -18.51
CA VAL A 42 -4.76 -8.72 -17.74
C VAL A 42 -4.14 -9.84 -16.89
N TYR A 43 -4.97 -10.58 -16.14
CA TYR A 43 -4.55 -11.64 -15.22
C TYR A 43 -5.20 -12.98 -15.61
N PRO A 44 -4.53 -13.82 -16.41
CA PRO A 44 -5.19 -15.01 -16.98
C PRO A 44 -5.37 -16.20 -16.05
N TRP A 45 -4.83 -16.16 -14.83
CA TRP A 45 -5.19 -17.19 -13.86
C TRP A 45 -6.62 -17.04 -13.36
N VAL A 46 -7.26 -15.89 -13.59
CA VAL A 46 -8.56 -15.59 -12.98
C VAL A 46 -9.66 -16.41 -13.63
N THR A 47 -10.57 -16.94 -12.80
CA THR A 47 -11.78 -17.64 -13.23
C THR A 47 -12.98 -17.04 -12.50
N GLU A 48 -14.17 -17.52 -12.89
CA GLU A 48 -15.40 -17.11 -12.20
C GLU A 48 -15.36 -17.51 -10.72
N GLU A 49 -14.82 -18.69 -10.41
CA GLU A 49 -14.75 -19.07 -9.00
C GLU A 49 -13.87 -18.10 -8.21
N TYR A 50 -12.80 -17.59 -8.83
CA TYR A 50 -11.92 -16.64 -8.16
C TYR A 50 -12.64 -15.30 -7.89
N ILE A 51 -13.35 -14.78 -8.89
CA ILE A 51 -14.18 -13.59 -8.71
C ILE A 51 -15.14 -13.79 -7.52
N ARG A 52 -15.82 -14.97 -7.50
CA ARG A 52 -16.82 -15.23 -6.46
C ARG A 52 -16.20 -15.30 -5.08
N GLU A 53 -15.02 -15.92 -4.97
CA GLU A 53 -14.35 -15.98 -3.68
C GLU A 53 -14.00 -14.59 -3.19
N ILE A 54 -13.51 -13.74 -4.09
CA ILE A 54 -13.21 -12.36 -3.71
C ILE A 54 -14.46 -11.65 -3.19
N VAL A 55 -15.56 -11.72 -3.96
CA VAL A 55 -16.82 -11.12 -3.53
C VAL A 55 -17.17 -11.60 -2.13
N GLU A 56 -17.10 -12.92 -1.90
CA GLU A 56 -17.66 -13.47 -0.67
C GLU A 56 -16.77 -13.24 0.54
N ARG A 57 -15.47 -13.13 0.35
CA ARG A 57 -14.55 -12.84 1.43
C ARG A 57 -14.28 -11.35 1.63
N ASP A 58 -14.86 -10.46 0.81
CA ASP A 58 -14.69 -9.01 0.96
C ASP A 58 -15.32 -8.51 2.27
N GLU A 59 -14.49 -7.91 3.13
CA GLU A 59 -14.95 -7.33 4.39
C GLU A 59 -15.77 -6.05 4.17
N LYS A 60 -15.50 -5.32 3.07
CA LYS A 60 -16.29 -4.14 2.71
C LYS A 60 -17.67 -4.51 2.19
N GLY A 61 -17.84 -5.70 1.63
CA GLY A 61 -19.08 -6.01 0.93
C GLY A 61 -19.30 -5.06 -0.23
N ARG A 62 -18.22 -4.67 -0.91
CA ARG A 62 -18.25 -3.65 -1.93
C ARG A 62 -18.79 -4.16 -3.27
N TYR A 63 -18.79 -5.48 -3.47
CA TYR A 63 -19.26 -6.15 -4.67
C TYR A 63 -20.54 -6.92 -4.33
N GLU A 64 -21.37 -7.13 -5.33
CA GLU A 64 -22.63 -7.84 -5.16
C GLU A 64 -22.79 -8.75 -6.36
N ILE A 65 -23.08 -10.03 -6.13
CA ILE A 65 -23.43 -10.93 -7.22
C ILE A 65 -24.92 -11.20 -7.12
N ARG A 66 -25.60 -11.17 -8.27
CA ARG A 66 -27.01 -11.52 -8.36
C ARG A 66 -27.13 -12.39 -9.60
N GLY A 67 -27.43 -13.67 -9.40
CA GLY A 67 -27.46 -14.65 -10.47
C GLY A 67 -26.11 -14.87 -11.10
N ASN A 68 -25.97 -14.56 -12.40
CA ASN A 68 -24.68 -14.53 -13.07
C ASN A 68 -24.29 -13.10 -13.45
N LYS A 69 -24.84 -12.12 -12.73
CA LYS A 69 -24.55 -10.69 -12.82
C LYS A 69 -23.76 -10.23 -11.58
N ILE A 70 -22.92 -9.20 -11.75
CA ILE A 70 -22.05 -8.72 -10.68
C ILE A 70 -21.88 -7.20 -10.81
N ARG A 71 -21.76 -6.54 -9.66
CA ARG A 71 -21.59 -5.08 -9.65
C ARG A 71 -20.73 -4.64 -8.47
N ALA A 72 -20.23 -3.40 -8.59
CA ALA A 72 -19.83 -2.63 -7.44
C ALA A 72 -21.07 -2.06 -6.81
N ARG A 73 -21.18 -2.17 -5.50
CA ARG A 73 -22.38 -1.70 -4.86
C ARG A 73 -22.42 -0.18 -4.78
N TYR A 74 -21.24 0.46 -4.79
CA TYR A 74 -21.15 1.89 -4.49
C TYR A 74 -19.80 2.42 -4.95
N GLY A 75 -19.68 3.75 -4.96
CA GLY A 75 -18.43 4.40 -5.28
C GLY A 75 -18.11 4.55 -6.76
N HIS A 76 -19.04 4.23 -7.67
CA HIS A 76 -18.84 4.49 -9.10
C HIS A 76 -18.54 5.96 -9.40
N SER A 77 -17.77 6.20 -10.49
CA SER A 77 -17.63 7.56 -11.00
C SER A 77 -18.64 7.90 -12.09
N TYR A 78 -19.60 6.99 -12.38
CA TYR A 78 -20.65 7.18 -13.37
C TYR A 78 -22.00 6.95 -12.72
N PRO A 79 -23.06 7.55 -13.24
CA PRO A 79 -24.37 7.49 -12.57
C PRO A 79 -24.96 6.08 -12.53
N VAL A 80 -25.40 5.67 -11.34
CA VAL A 80 -26.07 4.39 -11.12
C VAL A 80 -27.28 4.63 -10.23
N ILE A 81 -28.32 3.83 -10.44
CA ILE A 81 -29.48 3.83 -9.55
C ILE A 81 -29.14 2.97 -8.33
N LEU A 82 -29.20 3.57 -7.15
CA LEU A 82 -28.82 2.90 -5.91
C LEU A 82 -30.10 2.68 -5.13
N ARG A 83 -30.56 1.42 -5.10
CA ARG A 83 -31.78 1.03 -4.41
C ARG A 83 -31.41 0.21 -3.18
N HIS A 84 -30.88 0.87 -2.16
CA HIS A 84 -30.28 0.14 -1.05
C HIS A 84 -31.17 0.15 0.18
N GLU A 85 -30.96 -0.85 1.05
CA GLU A 85 -31.65 -0.94 2.33
C GLU A 85 -31.42 0.31 3.17
N GLU A 86 -32.46 0.78 3.87
CA GLU A 86 -32.29 1.89 4.79
C GLU A 86 -31.55 1.45 6.05
N ASP A 87 -30.52 2.21 6.42
CA ASP A 87 -29.97 2.09 7.76
C ASP A 87 -30.89 2.86 8.73
N LYS A 88 -31.49 2.17 9.67
CA LYS A 88 -32.22 2.85 10.74
C LYS A 88 -31.63 2.59 12.12
N GLU A 89 -30.60 1.76 12.24
CA GLU A 89 -30.00 1.35 13.49
C GLU A 89 -28.95 2.37 13.98
N SER A 90 -28.04 2.79 13.10
CA SER A 90 -26.89 3.59 13.49
C SER A 90 -27.31 4.87 14.20
N LYS A 91 -26.63 5.18 15.28
CA LYS A 91 -26.84 6.47 15.92
C LYS A 91 -25.74 7.44 15.58
N VAL A 92 -24.55 6.93 15.32
CA VAL A 92 -23.36 7.73 15.01
C VAL A 92 -22.72 7.26 13.70
N LEU A 93 -22.27 8.19 12.89
CA LEU A 93 -21.55 7.83 11.66
C LEU A 93 -20.33 8.72 11.52
N TYR A 94 -19.44 8.39 10.57
CA TYR A 94 -18.21 9.14 10.46
C TYR A 94 -17.95 9.54 9.03
N HIS A 95 -17.39 10.73 8.81
CA HIS A 95 -16.96 11.15 7.48
C HIS A 95 -15.51 11.61 7.54
N GLY A 96 -14.64 10.99 6.77
CA GLY A 96 -13.21 11.32 6.79
C GLY A 96 -12.94 12.29 5.64
N THR A 97 -12.16 13.33 5.92
CA THR A 97 -11.80 14.35 4.94
C THR A 97 -10.46 14.94 5.36
N VAL A 98 -9.97 15.93 4.61
CA VAL A 98 -8.77 16.63 5.00
C VAL A 98 -9.15 18.00 5.57
N ARG A 99 -8.22 18.56 6.36
CA ARG A 99 -8.55 19.70 7.20
C ARG A 99 -8.96 20.89 6.37
N ARG A 100 -8.32 21.09 5.19
CA ARG A 100 -8.64 22.24 4.37
C ARG A 100 -10.11 22.28 3.98
N ASN A 101 -10.80 21.14 4.05
CA ASN A 101 -12.22 21.11 3.72
C ASN A 101 -13.14 21.55 4.86
N LEU A 102 -12.64 21.64 6.11
CA LEU A 102 -13.50 22.02 7.24
C LEU A 102 -14.18 23.36 6.99
N LYS A 103 -13.40 24.36 6.52
CA LYS A 103 -13.99 25.65 6.19
C LYS A 103 -15.26 25.50 5.35
N GLY A 104 -15.18 24.71 4.26
CA GLY A 104 -16.37 24.54 3.44
C GLY A 104 -17.48 23.86 4.22
N ILE A 105 -17.11 22.77 4.90
CA ILE A 105 -18.10 21.90 5.51
C ILE A 105 -18.83 22.62 6.62
N MET A 106 -18.07 23.29 7.50
CA MET A 106 -18.70 23.96 8.64
C MET A 106 -19.66 25.06 8.22
N ARG A 107 -19.61 25.56 6.98
CA ARG A 107 -20.59 26.57 6.61
C ARG A 107 -21.59 26.04 5.60
N GLU A 108 -21.30 24.91 4.97
CA GLU A 108 -22.14 24.37 3.91
C GLU A 108 -22.72 23.03 4.29
N GLY A 109 -22.15 22.37 5.29
CA GLY A 109 -22.45 20.97 5.55
C GLY A 109 -21.65 20.14 4.59
N ILE A 110 -21.82 18.83 4.70
CA ILE A 110 -21.12 17.91 3.80
C ILE A 110 -21.97 17.73 2.54
N LYS A 111 -21.40 18.01 1.41
CA LYS A 111 -22.21 17.86 0.21
C LYS A 111 -21.68 16.73 -0.67
N PRO A 112 -22.54 16.12 -1.48
CA PRO A 112 -22.12 14.96 -2.28
C PRO A 112 -21.19 15.30 -3.47
N GLY A 113 -21.03 16.56 -3.79
CA GLY A 113 -20.10 16.92 -4.86
C GLY A 113 -20.58 16.36 -6.19
N LYS A 114 -19.78 15.49 -6.76
CA LYS A 114 -20.13 14.92 -8.05
C LYS A 114 -20.85 13.56 -7.93
N ARG A 115 -20.95 12.98 -6.74
CA ARG A 115 -21.70 11.75 -6.58
C ARG A 115 -23.15 12.04 -6.28
N GLN A 116 -23.99 11.00 -6.34
CA GLN A 116 -25.36 11.17 -5.89
C GLN A 116 -25.43 11.44 -4.39
N TYR A 117 -24.49 10.90 -3.62
CA TYR A 117 -24.62 10.90 -2.16
C TYR A 117 -23.29 11.26 -1.51
N VAL A 118 -23.38 11.66 -0.22
CA VAL A 118 -22.29 11.70 0.74
C VAL A 118 -22.06 10.32 1.34
N HIS A 119 -20.78 9.91 1.41
CA HIS A 119 -20.37 8.62 1.92
C HIS A 119 -19.84 8.74 3.35
N LEU A 120 -20.40 7.95 4.25
CA LEU A 120 -20.10 7.87 5.68
C LEU A 120 -19.60 6.47 6.02
N SER A 121 -19.06 6.30 7.19
CA SER A 121 -18.68 4.98 7.61
C SER A 121 -19.17 4.73 9.03
N ILE A 122 -19.51 3.48 9.33
CA ILE A 122 -19.92 3.17 10.72
C ILE A 122 -18.74 3.10 11.68
N ASN A 123 -17.51 3.09 11.15
CA ASN A 123 -16.27 3.05 11.91
C ASN A 123 -15.46 4.30 11.59
N TYR A 124 -14.75 4.82 12.59
CA TYR A 124 -13.87 5.95 12.30
C TYR A 124 -12.67 5.49 11.50
N GLU A 125 -12.22 4.25 11.69
CA GLU A 125 -11.06 3.74 10.99
C GLU A 125 -11.27 3.80 9.49
N ASP A 126 -12.42 3.33 9.02
CA ASP A 126 -12.73 3.38 7.60
C ASP A 126 -12.84 4.80 7.10
N ALA A 127 -13.53 5.69 7.84
CA ALA A 127 -13.61 7.06 7.39
C ALA A 127 -12.22 7.67 7.25
N TYR A 128 -11.32 7.38 8.19
CA TYR A 128 -9.95 7.90 8.10
C TYR A 128 -9.22 7.37 6.87
N ASN A 129 -9.29 6.04 6.67
CA ASN A 129 -8.67 5.43 5.50
C ASN A 129 -9.16 6.05 4.21
N THR A 130 -10.45 6.39 4.14
CA THR A 130 -10.97 6.97 2.91
C THR A 130 -10.63 8.44 2.80
N GLY A 131 -10.61 9.16 3.93
CA GLY A 131 -10.29 10.58 3.91
C GLY A 131 -8.86 10.83 3.51
N MET A 132 -7.98 9.85 3.74
CA MET A 132 -6.58 9.82 3.32
C MET A 132 -6.38 9.91 1.79
N ARG A 133 -7.38 9.58 0.99
CA ARG A 133 -7.23 9.73 -0.46
C ARG A 133 -6.91 11.17 -0.86
N HIS A 134 -7.32 12.15 -0.06
CA HIS A 134 -7.16 13.55 -0.44
C HIS A 134 -6.00 14.25 0.22
N GLY A 135 -5.19 13.53 0.97
CA GLY A 135 -4.01 14.14 1.57
C GLY A 135 -3.74 13.55 2.93
N GLU A 136 -2.63 14.02 3.51
CA GLU A 136 -2.09 13.57 4.79
C GLU A 136 -2.85 14.10 6.00
N ASP A 137 -3.36 15.32 5.94
CA ASP A 137 -3.85 16.01 7.11
C ASP A 137 -5.34 15.70 7.28
N VAL A 138 -5.59 14.44 7.64
CA VAL A 138 -6.94 13.86 7.71
C VAL A 138 -7.62 14.25 9.02
N VAL A 139 -8.90 14.67 8.93
CA VAL A 139 -9.79 14.81 10.07
C VAL A 139 -11.05 13.97 9.80
N VAL A 140 -11.71 13.53 10.89
CA VAL A 140 -12.89 12.67 10.78
C VAL A 140 -14.01 13.32 11.56
N LEU A 141 -15.09 13.65 10.86
CA LEU A 141 -16.23 14.27 11.49
C LEU A 141 -17.14 13.21 12.06
N ILE A 142 -17.62 13.47 13.27
CA ILE A 142 -18.60 12.62 13.92
C ILE A 142 -19.96 13.18 13.53
N ILE A 143 -20.87 12.29 13.12
CA ILE A 143 -22.15 12.66 12.53
C ILE A 143 -23.28 12.08 13.38
N ASP A 144 -24.28 12.91 13.70
CA ASP A 144 -25.46 12.48 14.47
C ASP A 144 -26.53 11.91 13.52
N ALA A 145 -26.58 10.59 13.39
CA ALA A 145 -27.49 9.98 12.42
C ALA A 145 -28.97 10.18 12.78
N GLU A 146 -29.33 10.11 14.07
CA GLU A 146 -30.73 10.37 14.43
C GLU A 146 -31.12 11.79 14.07
N CYS A 147 -30.19 12.73 14.21
CA CYS A 147 -30.45 14.09 13.75
C CYS A 147 -30.62 14.13 12.22
N LEU A 148 -29.78 13.41 11.50
CA LEU A 148 -29.92 13.36 10.05
C LEU A 148 -31.32 12.95 9.67
N ARG A 149 -31.73 11.78 10.16
CA ARG A 149 -33.06 11.25 9.83
C ARG A 149 -34.15 12.22 10.22
N ASN A 150 -34.10 12.76 11.46
CA ASN A 150 -35.14 13.69 11.89
C ASN A 150 -35.23 14.91 10.96
N LYS A 151 -34.13 15.26 10.30
CA LYS A 151 -34.30 16.25 9.24
C LYS A 151 -34.99 15.69 8.01
N GLY A 152 -35.32 14.39 7.97
CA GLY A 152 -35.99 13.80 6.83
C GLY A 152 -35.09 13.13 5.83
N TYR A 153 -33.78 13.10 6.07
CA TYR A 153 -32.85 12.38 5.22
C TYR A 153 -32.95 10.88 5.50
N LYS A 154 -32.78 10.09 4.46
CA LYS A 154 -32.68 8.64 4.57
C LYS A 154 -31.22 8.20 4.44
N ILE A 155 -30.80 7.32 5.34
CA ILE A 155 -29.46 6.71 5.36
C ILE A 155 -29.54 5.30 4.80
N LEU A 156 -28.78 5.03 3.73
CA LEU A 156 -28.80 3.73 3.08
C LEU A 156 -27.54 2.93 3.41
N LYS A 157 -27.67 1.59 3.38
CA LYS A 157 -26.57 0.67 3.66
C LYS A 157 -25.92 0.30 2.33
N ALA A 158 -24.89 1.05 1.97
CA ALA A 158 -24.27 0.82 0.66
C ALA A 158 -23.37 -0.39 0.71
N GLY A 159 -22.63 -0.56 1.80
CA GLY A 159 -21.77 -1.72 1.99
C GLY A 159 -21.91 -2.25 3.41
N LYS A 160 -21.02 -3.16 3.81
CA LYS A 160 -21.01 -3.62 5.20
C LYS A 160 -20.82 -2.44 6.16
N LYS A 161 -19.82 -1.58 5.88
CA LYS A 161 -19.53 -0.45 6.77
C LYS A 161 -19.75 0.91 6.13
N VAL A 162 -20.01 0.98 4.85
CA VAL A 162 -20.24 2.24 4.16
C VAL A 162 -21.71 2.60 4.28
N ARG A 163 -22.02 3.83 4.67
CA ARG A 163 -23.39 4.35 4.64
C ARG A 163 -23.47 5.58 3.74
N ILE A 164 -24.58 5.78 3.05
CA ILE A 164 -24.70 6.91 2.15
C ILE A 164 -25.96 7.69 2.44
N VAL A 165 -25.88 9.00 2.21
CA VAL A 165 -26.99 9.91 2.47
C VAL A 165 -26.86 11.10 1.53
N LYS A 166 -27.99 11.65 1.10
CA LYS A 166 -27.93 12.75 0.14
C LYS A 166 -27.14 13.96 0.66
N HIS A 167 -27.16 14.22 1.96
CA HIS A 167 -26.56 15.46 2.45
C HIS A 167 -26.41 15.39 3.97
N VAL A 168 -25.40 16.07 4.49
CA VAL A 168 -25.24 16.18 5.93
C VAL A 168 -25.17 17.66 6.29
N PRO A 169 -26.22 18.25 6.87
CA PRO A 169 -26.14 19.66 7.28
C PRO A 169 -25.24 19.81 8.49
N VAL A 170 -24.77 21.04 8.70
CA VAL A 170 -23.82 21.32 9.77
C VAL A 170 -24.39 20.89 11.12
N ASP A 171 -25.70 21.15 11.32
CA ASP A 171 -26.41 20.80 12.55
C ASP A 171 -26.20 19.37 12.97
N CYS A 172 -25.90 18.50 12.02
CA CYS A 172 -25.75 17.08 12.32
C CYS A 172 -24.31 16.67 12.62
N ILE A 173 -23.37 17.61 12.61
CA ILE A 173 -21.96 17.31 12.91
C ILE A 173 -21.69 17.57 14.39
N SER A 174 -21.31 16.52 15.12
CA SER A 174 -21.24 16.56 16.57
C SER A 174 -19.82 16.50 17.13
N GLY A 175 -18.80 16.33 16.29
CA GLY A 175 -17.42 16.36 16.77
C GLY A 175 -16.45 16.26 15.60
N ILE A 176 -15.19 16.57 15.88
CA ILE A 176 -14.09 16.40 14.93
C ILE A 176 -13.01 15.58 15.60
N LEU A 177 -12.53 14.54 14.94
CA LEU A 177 -11.28 13.97 15.45
C LEU A 177 -10.08 13.91 14.50
N SER B 1 0.16 8.53 7.24
CA SER B 1 0.69 8.69 5.89
C SER B 1 1.42 7.43 5.46
N ARG B 2 1.50 7.20 4.14
CA ARG B 2 2.27 6.07 3.63
C ARG B 2 3.71 6.10 4.13
N PHE B 3 4.24 7.30 4.36
CA PHE B 3 5.59 7.46 4.88
C PHE B 3 5.72 6.83 6.26
N LYS B 4 4.88 7.28 7.20
CA LYS B 4 4.96 6.77 8.56
C LYS B 4 4.66 5.27 8.61
N VAL B 5 3.65 4.80 7.85
CA VAL B 5 3.34 3.37 7.96
C VAL B 5 4.43 2.54 7.28
N SER B 6 5.08 3.05 6.25
CA SER B 6 6.19 2.30 5.70
C SER B 6 7.38 2.29 6.65
N LYS B 7 7.56 3.34 7.42
CA LYS B 7 8.66 3.36 8.38
C LYS B 7 8.40 2.35 9.49
N LEU B 8 7.12 2.20 9.84
CA LEU B 8 6.76 1.25 10.89
C LEU B 8 6.91 -0.17 10.39
N MET B 9 6.54 -0.39 9.11
CA MET B 9 6.74 -1.70 8.51
C MET B 9 8.21 -2.06 8.47
N ALA B 10 9.08 -1.10 8.08
CA ALA B 10 10.53 -1.35 8.10
C ALA B 10 10.99 -1.68 9.51
N TYR B 11 10.54 -0.90 10.49
CA TYR B 11 10.96 -1.15 11.87
C TYR B 11 10.58 -2.56 12.30
N ILE B 12 9.33 -2.95 12.01
CA ILE B 12 8.78 -4.24 12.43
C ILE B 12 9.47 -5.37 11.71
N LEU B 13 9.56 -5.27 10.38
CA LEU B 13 10.04 -6.38 9.57
C LEU B 13 11.55 -6.53 9.65
N ALA B 14 12.27 -5.45 9.84
CA ALA B 14 13.72 -5.45 9.64
C ALA B 14 14.50 -5.21 10.91
N HIS B 15 13.85 -4.93 12.03
CA HIS B 15 14.58 -4.50 13.20
C HIS B 15 14.07 -5.13 14.50
N SER B 16 12.73 -5.13 14.69
CA SER B 16 12.15 -5.50 16.01
C SER B 16 10.83 -6.27 15.86
N PRO B 17 10.79 -7.36 15.09
CA PRO B 17 9.53 -8.11 14.98
C PRO B 17 9.12 -8.79 16.29
N TRP B 18 10.07 -9.21 17.12
CA TRP B 18 9.69 -9.99 18.31
C TRP B 18 8.89 -9.15 19.29
N GLU B 19 9.14 -7.83 19.33
CA GLU B 19 8.45 -6.99 20.30
C GLU B 19 6.97 -6.91 20.00
N PHE B 20 6.60 -7.17 18.73
CA PHE B 20 5.22 -7.20 18.28
C PHE B 20 4.57 -8.58 18.37
N GLY B 21 5.28 -9.61 18.82
CA GLY B 21 4.74 -10.96 18.87
C GLY B 21 4.93 -11.80 17.61
N LEU B 22 5.54 -11.26 16.57
CA LEU B 22 5.81 -11.98 15.34
C LEU B 22 7.07 -12.83 15.45
N GLU B 23 7.17 -13.82 14.57
CA GLU B 23 8.21 -14.85 14.65
C GLU B 23 8.76 -15.12 13.27
N PRO B 24 9.62 -14.26 12.74
CA PRO B 24 10.09 -14.42 11.36
C PRO B 24 10.71 -15.78 11.12
N ASP B 25 10.51 -16.34 9.93
CA ASP B 25 11.24 -17.56 9.61
C ASP B 25 12.68 -17.21 9.24
N GLU B 26 13.47 -18.23 8.91
CA GLU B 26 14.90 -18.08 8.64
C GLU B 26 15.18 -17.10 7.51
N GLU B 27 14.18 -16.78 6.69
CA GLU B 27 14.32 -15.79 5.63
C GLU B 27 13.69 -14.44 5.97
N GLY B 28 13.21 -14.25 7.20
CA GLY B 28 12.61 -12.99 7.61
C GLY B 28 11.15 -12.83 7.26
N PHE B 29 10.48 -13.89 6.82
CA PHE B 29 9.07 -13.81 6.45
C PHE B 29 8.17 -13.92 7.68
N VAL B 30 7.16 -13.07 7.73
CA VAL B 30 6.10 -13.11 8.73
C VAL B 30 4.79 -13.21 7.96
N SER B 31 3.75 -13.71 8.64
CA SER B 31 2.41 -13.73 8.02
C SER B 31 1.89 -12.30 7.87
N ILE B 32 1.20 -12.03 6.75
CA ILE B 32 0.76 -10.68 6.44
C ILE B 32 -0.26 -10.18 7.46
N GLU B 33 -1.18 -11.05 7.89
CA GLU B 33 -2.20 -10.62 8.84
C GLU B 33 -1.60 -10.33 10.22
N GLU B 34 -0.60 -11.12 10.64
CA GLU B 34 0.16 -10.76 11.83
C GLU B 34 0.77 -9.36 11.70
N LEU B 35 1.40 -9.06 10.55
CA LEU B 35 1.99 -7.74 10.30
C LEU B 35 0.95 -6.63 10.37
N VAL B 36 -0.15 -6.82 9.65
CA VAL B 36 -1.25 -5.86 9.63
C VAL B 36 -1.71 -5.60 11.06
N ASN B 37 -1.90 -6.68 11.82
CA ASN B 37 -2.38 -6.51 13.19
C ASN B 37 -1.36 -5.76 14.04
N ALA B 38 -0.08 -5.97 13.78
CA ALA B 38 0.97 -5.22 14.49
C ALA B 38 0.92 -3.74 14.14
N VAL B 39 0.87 -3.43 12.84
CA VAL B 39 0.83 -2.03 12.39
C VAL B 39 -0.39 -1.32 12.95
N ARG B 40 -1.52 -2.02 13.08
CA ARG B 40 -2.75 -1.39 13.56
C ARG B 40 -2.72 -1.03 15.04
N LYS B 41 -1.75 -1.50 15.83
CA LYS B 41 -1.65 -0.98 17.18
C LYS B 41 -1.15 0.47 17.18
N VAL B 42 -0.49 0.90 16.12
CA VAL B 42 -0.03 2.28 15.98
C VAL B 42 -0.94 3.09 15.05
N TYR B 43 -1.30 2.51 13.90
CA TYR B 43 -2.13 3.18 12.91
C TYR B 43 -3.33 2.27 12.72
N PRO B 44 -4.37 2.44 13.55
CA PRO B 44 -5.51 1.53 13.54
C PRO B 44 -6.27 1.49 12.24
N TRP B 45 -6.14 2.49 11.38
CA TRP B 45 -6.81 2.47 10.08
C TRP B 45 -6.16 1.53 9.08
N VAL B 46 -4.91 1.14 9.28
CA VAL B 46 -4.20 0.36 8.28
C VAL B 46 -4.90 -0.97 8.00
N THR B 47 -5.05 -1.29 6.72
CA THR B 47 -5.63 -2.56 6.29
C THR B 47 -4.58 -3.36 5.54
N GLU B 48 -4.91 -4.62 5.28
CA GLU B 48 -4.04 -5.44 4.45
C GLU B 48 -3.96 -4.90 3.02
N GLU B 49 -5.04 -4.34 2.49
CA GLU B 49 -4.96 -3.72 1.17
C GLU B 49 -4.00 -2.53 1.16
N TYR B 50 -3.93 -1.76 2.25
CA TYR B 50 -3.04 -0.61 2.31
C TYR B 50 -1.58 -1.04 2.31
N ILE B 51 -1.29 -2.12 3.03
CA ILE B 51 0.06 -2.69 3.10
C ILE B 51 0.47 -3.29 1.76
N ARG B 52 -0.46 -3.98 1.09
CA ARG B 52 -0.12 -4.54 -0.22
C ARG B 52 0.12 -3.43 -1.22
N GLU B 53 -0.64 -2.33 -1.11
CA GLU B 53 -0.39 -1.17 -1.96
C GLU B 53 0.99 -0.56 -1.71
N ILE B 54 1.40 -0.45 -0.44
CA ILE B 54 2.74 0.08 -0.14
C ILE B 54 3.81 -0.80 -0.77
N VAL B 55 3.73 -2.12 -0.53
CA VAL B 55 4.68 -3.05 -1.16
C VAL B 55 4.76 -2.79 -2.66
N GLU B 56 3.60 -2.63 -3.32
CA GLU B 56 3.56 -2.50 -4.77
C GLU B 56 4.16 -1.18 -5.26
N ARG B 57 3.93 -0.10 -4.52
CA ARG B 57 4.34 1.24 -4.95
C ARG B 57 5.73 1.62 -4.46
N ASP B 58 6.35 0.81 -3.62
CA ASP B 58 7.68 1.06 -3.09
C ASP B 58 8.71 1.15 -4.22
N GLU B 59 9.30 2.31 -4.42
CA GLU B 59 10.26 2.46 -5.51
C GLU B 59 11.55 1.68 -5.27
N LYS B 60 11.79 1.23 -4.05
CA LYS B 60 12.92 0.34 -3.79
C LYS B 60 12.60 -1.13 -4.05
N GLY B 61 11.32 -1.51 -4.04
CA GLY B 61 10.97 -2.93 -4.02
C GLY B 61 11.63 -3.61 -2.84
N ARG B 62 11.57 -2.96 -1.68
CA ARG B 62 12.29 -3.40 -0.49
C ARG B 62 11.53 -4.48 0.27
N TYR B 63 10.20 -4.54 0.10
CA TYR B 63 9.31 -5.56 0.63
C TYR B 63 9.04 -6.65 -0.40
N GLU B 64 8.85 -7.86 0.08
CA GLU B 64 8.48 -8.99 -0.75
C GLU B 64 7.26 -9.66 -0.13
N ILE B 65 6.25 -9.91 -0.95
CA ILE B 65 5.10 -10.73 -0.59
C ILE B 65 5.23 -12.07 -1.28
N ARG B 66 5.18 -13.15 -0.51
CA ARG B 66 5.13 -14.52 -1.00
C ARG B 66 3.88 -15.14 -0.42
N GLY B 67 2.90 -15.42 -1.26
CA GLY B 67 1.64 -15.94 -0.77
C GLY B 67 1.03 -15.09 0.33
N ASN B 68 0.82 -15.69 1.50
CA ASN B 68 0.26 -14.96 2.62
C ASN B 68 1.32 -14.45 3.59
N LYS B 69 2.59 -14.34 3.15
CA LYS B 69 3.75 -13.92 3.95
C LYS B 69 4.46 -12.72 3.32
N ILE B 70 5.18 -11.96 4.15
CA ILE B 70 5.76 -10.65 3.79
C ILE B 70 7.08 -10.50 4.53
N ARG B 71 8.07 -9.93 3.85
CA ARG B 71 9.36 -9.66 4.48
C ARG B 71 9.92 -8.36 3.93
N ALA B 72 10.86 -7.83 4.70
CA ALA B 72 11.87 -6.95 4.12
C ALA B 72 12.84 -7.80 3.33
N ARG B 73 13.23 -7.34 2.15
CA ARG B 73 14.10 -8.15 1.31
C ARG B 73 15.55 -8.10 1.74
N TYR B 74 15.98 -7.02 2.39
CA TYR B 74 17.37 -6.75 2.74
C TYR B 74 17.38 -5.71 3.86
N GLY B 75 18.56 -5.46 4.43
CA GLY B 75 18.72 -4.35 5.37
C GLY B 75 18.26 -4.62 6.81
N HIS B 76 18.01 -5.86 7.17
CA HIS B 76 17.68 -6.16 8.56
C HIS B 76 18.86 -5.86 9.47
N SER B 77 18.57 -5.51 10.72
CA SER B 77 19.60 -5.41 11.74
C SER B 77 19.79 -6.76 12.45
N TYR B 78 19.05 -7.80 12.06
CA TYR B 78 19.23 -9.13 12.63
C TYR B 78 19.56 -10.12 11.51
N PRO B 79 20.14 -11.28 11.84
CA PRO B 79 20.71 -12.14 10.80
C PRO B 79 19.61 -12.97 10.13
N VAL B 80 19.62 -13.02 8.79
CA VAL B 80 18.61 -13.72 8.01
C VAL B 80 19.32 -14.37 6.82
N ILE B 81 18.72 -15.43 6.30
CA ILE B 81 19.33 -16.16 5.19
C ILE B 81 18.83 -15.53 3.92
N LEU B 82 19.75 -15.26 3.01
CA LEU B 82 19.53 -14.44 1.83
C LEU B 82 19.72 -15.30 0.58
N ARG B 83 18.62 -15.65 -0.10
CA ARG B 83 18.64 -16.43 -1.34
C ARG B 83 18.05 -15.56 -2.43
N HIS B 84 18.86 -14.66 -2.97
CA HIS B 84 18.42 -13.76 -4.03
C HIS B 84 19.12 -14.15 -5.32
N GLU B 85 18.51 -13.75 -6.44
CA GLU B 85 19.11 -14.04 -7.74
C GLU B 85 20.38 -13.23 -7.96
N GLU B 86 21.29 -13.83 -8.74
CA GLU B 86 22.55 -13.20 -9.13
C GLU B 86 22.32 -12.11 -10.19
N ASP B 87 22.83 -10.91 -9.91
CA ASP B 87 22.93 -9.85 -10.91
C ASP B 87 24.13 -10.09 -11.81
N LYS B 88 23.91 -10.33 -13.09
CA LYS B 88 25.01 -10.41 -14.04
C LYS B 88 25.05 -9.26 -15.03
N GLU B 89 24.03 -8.42 -15.08
CA GLU B 89 23.94 -7.39 -16.11
C GLU B 89 24.62 -6.08 -15.72
N SER B 90 24.68 -5.73 -14.45
CA SER B 90 25.23 -4.43 -14.05
C SER B 90 26.73 -4.40 -14.27
N LYS B 91 27.22 -3.28 -14.79
CA LYS B 91 28.66 -3.19 -14.99
C LYS B 91 29.36 -2.31 -13.98
N VAL B 92 28.68 -1.29 -13.51
CA VAL B 92 29.17 -0.41 -12.47
C VAL B 92 28.12 -0.31 -11.38
N LEU B 93 28.54 -0.30 -10.11
CA LEU B 93 27.61 -0.05 -9.03
C LEU B 93 28.18 1.04 -8.13
N TYR B 94 27.37 1.51 -7.17
CA TYR B 94 27.76 2.67 -6.37
C TYR B 94 27.64 2.37 -4.89
N HIS B 95 28.59 2.87 -4.11
CA HIS B 95 28.52 2.78 -2.65
C HIS B 95 28.62 4.18 -2.05
N GLY B 96 27.56 4.64 -1.39
CA GLY B 96 27.58 5.94 -0.73
C GLY B 96 28.04 5.79 0.71
N THR B 97 28.88 6.73 1.16
CA THR B 97 29.49 6.69 2.50
C THR B 97 29.96 8.11 2.81
N VAL B 98 30.57 8.32 3.98
CA VAL B 98 31.07 9.66 4.26
C VAL B 98 32.59 9.66 4.18
N ARG B 99 33.13 10.87 4.00
CA ARG B 99 34.55 11.05 3.65
C ARG B 99 35.46 10.41 4.70
N ARG B 100 35.08 10.49 5.99
CA ARG B 100 35.92 9.96 7.08
C ARG B 100 36.21 8.48 6.92
N ASN B 101 35.29 7.75 6.33
CA ASN B 101 35.48 6.33 6.13
C ASN B 101 36.45 6.00 4.99
N LEU B 102 36.83 6.98 4.16
CA LEU B 102 37.71 6.69 3.03
C LEU B 102 39.02 6.06 3.51
N LYS B 103 39.59 6.57 4.61
CA LYS B 103 40.83 5.98 5.12
C LYS B 103 40.67 4.48 5.38
N GLY B 104 39.54 4.09 5.98
CA GLY B 104 39.31 2.68 6.17
C GLY B 104 39.11 1.96 4.85
N ILE B 105 38.26 2.52 3.99
CA ILE B 105 37.88 1.75 2.81
C ILE B 105 39.09 1.55 1.90
N MET B 106 39.89 2.60 1.69
CA MET B 106 41.04 2.45 0.81
C MET B 106 42.12 1.56 1.41
N ARG B 107 42.13 1.35 2.74
CA ARG B 107 43.09 0.41 3.33
C ARG B 107 42.58 -1.02 3.13
N GLU B 108 41.27 -1.21 3.29
CA GLU B 108 40.72 -2.53 3.54
C GLU B 108 39.76 -2.99 2.46
N GLY B 109 39.30 -2.08 1.60
CA GLY B 109 38.12 -2.33 0.78
C GLY B 109 36.86 -2.06 1.54
N ILE B 110 35.72 -2.23 0.88
CA ILE B 110 34.43 -2.05 1.54
C ILE B 110 34.06 -3.37 2.22
N LYS B 111 33.87 -3.33 3.53
CA LYS B 111 33.64 -4.41 4.45
C LYS B 111 32.18 -4.46 4.86
N PRO B 112 31.63 -5.67 5.02
CA PRO B 112 30.22 -5.78 5.44
C PRO B 112 30.02 -5.34 6.88
N GLY B 113 31.03 -5.42 7.73
CA GLY B 113 30.87 -4.97 9.10
C GLY B 113 29.89 -5.79 9.91
N LYS B 114 28.77 -5.20 10.31
CA LYS B 114 27.79 -5.97 11.06
C LYS B 114 26.95 -6.86 10.16
N ARG B 115 26.73 -6.46 8.90
CA ARG B 115 25.86 -7.20 7.99
C ARG B 115 26.57 -8.42 7.41
N GLN B 116 25.79 -9.27 6.73
CA GLN B 116 26.40 -10.33 5.94
C GLN B 116 27.09 -9.79 4.69
N TYR B 117 26.64 -8.68 4.15
CA TYR B 117 27.09 -8.21 2.85
C TYR B 117 27.30 -6.70 2.89
N VAL B 118 28.14 -6.22 1.96
CA VAL B 118 28.15 -4.81 1.54
C VAL B 118 26.95 -4.55 0.63
N HIS B 119 26.40 -3.34 0.75
CA HIS B 119 25.22 -2.91 0.04
C HIS B 119 25.61 -1.83 -0.96
N LEU B 120 25.30 -2.09 -2.22
CA LEU B 120 25.65 -1.28 -3.38
C LEU B 120 24.39 -0.82 -4.06
N SER B 121 24.50 0.23 -4.82
CA SER B 121 23.35 0.67 -5.55
C SER B 121 23.66 0.69 -7.04
N ILE B 122 22.65 0.29 -7.80
CA ILE B 122 22.54 0.48 -9.24
C ILE B 122 22.64 1.96 -9.63
N ASN B 123 22.27 2.86 -8.72
CA ASN B 123 21.97 4.25 -9.04
C ASN B 123 22.86 5.16 -8.21
N TYR B 124 23.53 6.11 -8.86
CA TYR B 124 24.37 7.05 -8.14
C TYR B 124 23.55 7.87 -7.14
N GLU B 125 22.37 8.33 -7.55
CA GLU B 125 21.50 9.13 -6.69
C GLU B 125 21.21 8.46 -5.35
N ASP B 126 20.74 7.20 -5.44
CA ASP B 126 20.36 6.48 -4.23
C ASP B 126 21.56 6.18 -3.37
N ALA B 127 22.72 5.92 -4.00
CA ALA B 127 23.92 5.74 -3.19
C ALA B 127 24.18 6.99 -2.37
N TYR B 128 24.11 8.16 -3.00
CA TYR B 128 24.28 9.42 -2.27
C TYR B 128 23.31 9.53 -1.08
N ASN B 129 22.01 9.36 -1.36
CA ASN B 129 21.02 9.55 -0.32
C ASN B 129 21.26 8.61 0.86
N THR B 130 21.54 7.33 0.59
CA THR B 130 21.81 6.41 1.67
C THR B 130 23.09 6.78 2.41
N GLY B 131 24.06 7.33 1.70
CA GLY B 131 25.29 7.74 2.36
C GLY B 131 25.04 8.86 3.33
N MET B 132 24.02 9.69 3.08
CA MET B 132 23.77 10.79 4.00
C MET B 132 23.38 10.32 5.40
N ARG B 133 22.97 9.05 5.58
CA ARG B 133 22.65 8.59 6.94
C ARG B 133 23.84 8.69 7.89
N HIS B 134 25.06 8.69 7.36
CA HIS B 134 26.23 8.62 8.22
C HIS B 134 26.92 9.95 8.33
N GLY B 135 26.30 11.02 7.84
CA GLY B 135 26.88 12.34 7.90
C GLY B 135 26.59 13.19 6.67
N GLU B 136 27.07 14.42 6.68
CA GLU B 136 26.71 15.32 5.60
C GLU B 136 27.74 15.33 4.47
N ASP B 137 28.99 14.93 4.75
CA ASP B 137 30.08 15.02 3.79
C ASP B 137 30.17 13.66 3.07
N VAL B 138 29.22 13.46 2.16
CA VAL B 138 29.01 12.19 1.46
C VAL B 138 29.92 12.11 0.25
N VAL B 139 30.52 10.93 0.04
CA VAL B 139 31.23 10.56 -1.19
C VAL B 139 30.60 9.25 -1.67
N VAL B 140 30.56 9.08 -2.98
CA VAL B 140 30.05 7.85 -3.59
C VAL B 140 31.19 7.21 -4.34
N LEU B 141 31.51 5.99 -3.96
CA LEU B 141 32.52 5.17 -4.59
C LEU B 141 31.92 4.48 -5.79
N ILE B 142 32.55 4.66 -6.96
CA ILE B 142 32.28 3.88 -8.16
C ILE B 142 33.03 2.57 -8.08
N ILE B 143 32.26 1.49 -8.26
CA ILE B 143 32.70 0.11 -8.10
C ILE B 143 32.58 -0.57 -9.45
N ASP B 144 33.67 -1.21 -9.88
CA ASP B 144 33.75 -2.04 -11.09
C ASP B 144 33.10 -3.40 -10.85
N ALA B 145 31.87 -3.58 -11.32
CA ALA B 145 31.15 -4.83 -11.02
C ALA B 145 31.71 -5.99 -11.83
N GLU B 146 32.11 -5.72 -13.09
CA GLU B 146 32.73 -6.75 -13.92
C GLU B 146 34.03 -7.24 -13.30
N CYS B 147 34.73 -6.36 -12.58
CA CYS B 147 35.94 -6.77 -11.88
C CYS B 147 35.63 -7.70 -10.73
N LEU B 148 34.64 -7.33 -9.92
CA LEU B 148 34.20 -8.20 -8.84
C LEU B 148 33.84 -9.57 -9.36
N ARG B 149 33.14 -9.64 -10.50
CA ARG B 149 32.76 -10.95 -11.02
C ARG B 149 33.95 -11.71 -11.61
N ASN B 150 34.95 -11.00 -12.16
CA ASN B 150 36.16 -11.71 -12.58
C ASN B 150 36.99 -12.18 -11.39
N LYS B 151 36.78 -11.59 -10.22
CA LYS B 151 37.51 -11.90 -8.98
C LYS B 151 36.84 -13.03 -8.20
N GLY B 152 35.74 -13.59 -8.71
CA GLY B 152 35.04 -14.64 -8.03
C GLY B 152 33.69 -14.23 -7.47
N TYR B 153 33.58 -12.99 -7.00
CA TYR B 153 32.43 -12.62 -6.17
C TYR B 153 31.12 -12.87 -6.90
N LYS B 154 30.08 -13.06 -6.11
CA LYS B 154 28.72 -13.17 -6.62
C LYS B 154 27.97 -11.95 -6.13
N ILE B 155 27.45 -11.16 -7.07
CA ILE B 155 26.66 -9.98 -6.76
C ILE B 155 25.18 -10.34 -6.88
N LEU B 156 24.38 -10.01 -5.88
CA LEU B 156 22.99 -10.47 -5.87
C LEU B 156 22.02 -9.29 -5.89
N LYS B 157 20.84 -9.57 -6.46
CA LYS B 157 19.75 -8.60 -6.58
C LYS B 157 18.90 -8.65 -5.31
N ALA B 158 19.36 -7.95 -4.27
CA ALA B 158 18.61 -7.82 -3.05
C ALA B 158 17.32 -7.07 -3.30
N GLY B 159 17.40 -6.01 -4.10
CA GLY B 159 16.26 -5.16 -4.35
C GLY B 159 16.19 -4.75 -5.80
N LYS B 160 15.25 -3.86 -6.15
CA LYS B 160 15.22 -3.45 -7.55
C LYS B 160 16.37 -2.51 -7.88
N LYS B 161 16.83 -1.72 -6.89
CA LYS B 161 18.02 -0.88 -7.03
C LYS B 161 19.19 -1.33 -6.17
N VAL B 162 18.97 -2.14 -5.15
CA VAL B 162 20.02 -2.53 -4.22
C VAL B 162 20.66 -3.82 -4.73
N ARG B 163 21.98 -3.87 -4.73
CA ARG B 163 22.74 -5.08 -4.99
C ARG B 163 23.67 -5.33 -3.82
N ILE B 164 23.97 -6.60 -3.52
CA ILE B 164 24.77 -6.95 -2.35
C ILE B 164 25.93 -7.86 -2.75
N VAL B 165 27.09 -7.60 -2.16
CA VAL B 165 28.28 -8.38 -2.44
C VAL B 165 29.02 -8.55 -1.13
N LYS B 166 29.71 -9.68 -0.99
CA LYS B 166 30.31 -10.00 0.30
C LYS B 166 31.41 -9.01 0.70
N HIS B 167 32.18 -8.52 -0.27
CA HIS B 167 33.32 -7.65 0.01
C HIS B 167 33.67 -6.93 -1.28
N VAL B 168 34.14 -5.69 -1.17
CA VAL B 168 34.63 -4.97 -2.33
C VAL B 168 36.12 -4.66 -2.08
N PRO B 169 37.05 -5.33 -2.77
CA PRO B 169 38.46 -4.93 -2.64
C PRO B 169 38.75 -3.57 -3.27
N VAL B 170 39.83 -2.96 -2.79
CA VAL B 170 40.26 -1.65 -3.23
C VAL B 170 40.41 -1.63 -4.76
N ASP B 171 41.07 -2.67 -5.29
CA ASP B 171 41.26 -2.86 -6.73
C ASP B 171 39.98 -2.73 -7.54
N CYS B 172 38.83 -2.86 -6.92
CA CYS B 172 37.56 -2.81 -7.62
C CYS B 172 36.89 -1.46 -7.52
N ILE B 173 37.50 -0.51 -6.81
CA ILE B 173 36.95 0.83 -6.66
C ILE B 173 37.47 1.67 -7.83
N SER B 174 36.59 1.93 -8.79
CA SER B 174 36.95 2.67 -9.97
C SER B 174 37.00 4.18 -9.78
N GLY B 175 36.42 4.73 -8.72
CA GLY B 175 36.56 6.17 -8.59
C GLY B 175 35.81 6.66 -7.39
N ILE B 176 35.84 7.98 -7.22
CA ILE B 176 35.22 8.68 -6.09
C ILE B 176 34.44 9.88 -6.62
N LEU B 177 33.12 9.90 -6.38
CA LEU B 177 32.25 11.03 -6.67
C LEU B 177 32.01 11.98 -5.48
PA NAD C . -15.09 12.05 -2.92
O1A NAD C . -13.82 11.28 -3.15
O2A NAD C . -16.18 12.13 -3.94
O5B NAD C . -14.67 13.53 -2.50
C5B NAD C . -15.63 14.53 -2.10
C4B NAD C . -14.87 15.38 -1.11
O4B NAD C . -15.55 16.63 -0.88
C3B NAD C . -14.65 14.73 0.28
O3B NAD C . -13.30 14.86 0.67
C2B NAD C . -15.54 15.59 1.18
O2B NAD C . -15.13 15.61 2.54
C1B NAD C . -15.42 16.94 0.49
N9A NAD C . -16.49 17.84 0.84
C8A NAD C . -17.77 17.48 1.16
N7A NAD C . -18.53 18.51 1.44
C5A NAD C . -17.69 19.60 1.30
C6A NAD C . -17.92 20.98 1.46
N6A NAD C . -19.09 21.47 1.82
N1A NAD C . -16.87 21.81 1.22
C2A NAD C . -15.69 21.27 0.84
N3A NAD C . -15.37 19.99 0.65
C4A NAD C . -16.43 19.20 0.90
O3 NAD C . -15.72 11.50 -1.56
PN NAD C . -14.97 10.73 -0.37
O1N NAD C . -16.00 10.41 0.66
O2N NAD C . -13.74 11.52 -0.07
O5D NAD C . -14.51 9.39 -1.11
C5D NAD C . -15.55 8.64 -1.73
C4D NAD C . -15.13 7.19 -1.79
O4D NAD C . -14.68 6.77 -0.47
C3D NAD C . -16.25 6.23 -2.17
O3D NAD C . -15.77 5.09 -2.85
C2D NAD C . -16.88 5.93 -0.80
O2D NAD C . -17.63 4.74 -0.67
C1D NAD C . -15.63 5.86 0.08
N1N NAD C . -15.97 6.19 1.50
C2N NAD C . -15.63 7.41 2.07
C3N NAD C . -15.96 7.64 3.40
C7N NAD C . -15.59 8.92 4.11
O7N NAD C . -15.77 9.02 5.33
N7N NAD C . -15.11 9.92 3.39
C4N NAD C . -16.70 6.71 4.12
C5N NAD C . -17.03 5.50 3.54
C6N NAD C . -16.67 5.26 2.23
C1 GOL D . -9.46 1.76 -9.82
O1 GOL D . -8.79 0.58 -9.44
C2 GOL D . -8.69 2.92 -9.19
O2 GOL D . -9.22 3.20 -7.89
C3 GOL D . -7.23 2.41 -9.16
O3 GOL D . -6.48 3.30 -9.97
CL CL E . -13.10 2.72 -6.66
CL CL F . -30.83 -1.85 18.67
PA NAD G . 25.70 0.50 7.09
O1A NAD G . 24.65 1.50 7.43
O2A NAD G . 25.57 -0.91 7.56
O5B NAD G . 27.11 1.07 7.58
C5B NAD G . 28.36 0.48 7.20
C4B NAD G . 29.29 1.64 6.99
O4B NAD G . 30.66 1.15 6.98
C3B NAD G . 29.12 2.39 5.65
O3B NAD G . 29.07 3.80 5.85
C2B NAD G . 30.34 1.95 4.86
O2B NAD G . 30.62 2.86 3.83
C1B NAD G . 31.37 1.84 5.99
N9A NAD G . 32.54 1.03 5.67
C8A NAD G . 32.58 -0.05 4.83
N7A NAD G . 33.77 -0.57 4.73
C5A NAD G . 34.57 0.21 5.55
C6A NAD G . 35.94 0.17 5.85
N6A NAD G . 36.79 -0.74 5.37
N1A NAD G . 36.42 1.11 6.70
C2A NAD G . 35.57 2.02 7.19
N3A NAD G . 34.27 2.16 6.97
C4A NAD G . 33.82 1.21 6.12
O3 NAD G . 25.91 0.44 5.49
PN NAD G . 25.18 1.14 4.26
O1N NAD G . 25.82 0.76 2.99
O2N NAD G . 25.06 2.57 4.68
O5D NAD G . 23.75 0.42 4.28
C5D NAD G . 22.72 0.58 5.29
C4D NAD G . 21.41 0.45 4.57
O4D NAD G . 21.53 1.19 3.33
C3D NAD G . 20.97 -0.97 4.17
O3D NAD G . 19.56 -1.15 4.33
C2D NAD G . 21.33 -1.03 2.68
O2D NAD G . 20.58 -1.88 1.81
C1D NAD G . 21.07 0.40 2.25
N1N NAD G . 21.82 0.75 1.01
C2N NAD G . 23.06 1.35 1.09
C3N NAD G . 23.72 1.71 -0.08
C7N NAD G . 25.06 2.40 -0.09
O7N NAD G . 25.40 3.01 -1.11
N7N NAD G . 25.86 2.27 0.96
C4N NAD G . 23.18 1.34 -1.31
C5N NAD G . 21.95 0.72 -1.38
C6N NAD G . 21.28 0.41 -0.21
C1 GOL H . 13.58 2.59 10.63
O1 GOL H . 12.12 2.28 10.61
C2 GOL H . 13.78 3.46 11.84
O2 GOL H . 14.56 4.57 11.65
C3 GOL H . 12.44 4.08 12.18
O3 GOL H . 12.86 5.28 12.85
CL CL I . 15.69 -0.06 7.77
#